data_7HSA
#
_entry.id   7HSA
#
_cell.length_a   99.058
_cell.length_b   99.005
_cell.length_c   129.448
_cell.angle_alpha   90.00
_cell.angle_beta   90.00
_cell.angle_gamma   90.00
#
_symmetry.space_group_name_H-M   'I 2 2 2'
#
loop_
_entity.id
_entity.type
_entity.pdbx_description
1 polymer 'Oleoyl-acyl carrier protein thioesterase 1, chloroplastic'
2 non-polymer (3R)-1-(2-fluorophenyl)-3-(methylamino)pyrrolidin-2-one
3 water water
#
_entity_poly.entity_id   1
_entity_poly.type   'polypeptide(L)'
_entity_poly.pdbx_seq_one_letter_code
;MGSLTEDGLSYKEKFVVRSYEVGSNKTATVETIANLLQEVGCNHAQSVGFSTDGFATTTTMRKLHLIWVTARMHIEIYKY
PAWGDVVEIETWCQSEGRIGTRRDWILKDSVTGEVTGRATSKWVMMNQDTRRLQKVSDDVRDEYLVFCPQEPRLAFPEEN
NRSLKKIPKLEDPAQYSMIGLKPRRADLDMNQHVNNVTYIGWVLESIPQEIVDTHELQVITLDYRRECQQDDVVDSLTTT
TSEIGGTNGSATSGTQGHNDSQFLHLLRLSGDGQEINRGTTLWRKKPSSHHHHHH
;
_entity_poly.pdbx_strand_id   A,B
#
loop_
_chem_comp.id
_chem_comp.type
_chem_comp.name
_chem_comp.formula
W0G non-polymer (3R)-1-(2-fluorophenyl)-3-(methylamino)pyrrolidin-2-one 'C11 H13 F N2 O'
#
# COMPACT_ATOMS: atom_id res chain seq x y z
N GLY A 2 19.57 1.69 -4.79
CA GLY A 2 19.95 2.92 -4.14
C GLY A 2 21.37 2.92 -3.63
N SER A 3 21.90 4.10 -3.32
CA SER A 3 23.26 4.21 -2.83
C SER A 3 23.54 5.55 -2.18
N LEU A 4 24.51 5.59 -1.26
CA LEU A 4 25.00 6.85 -0.70
C LEU A 4 25.73 7.59 -1.86
N THR A 5 25.67 8.91 -1.86
CA THR A 5 26.35 9.71 -2.87
C THR A 5 27.89 9.65 -2.69
N GLU A 6 28.66 10.27 -3.59
CA GLU A 6 30.12 10.26 -3.53
C GLU A 6 30.71 10.74 -2.18
N ASP A 7 30.21 11.87 -1.64
CA ASP A 7 30.73 12.36 -0.37
C ASP A 7 30.15 11.61 0.88
N GLY A 8 29.27 10.64 0.68
CA GLY A 8 28.67 9.88 1.77
C GLY A 8 27.75 10.64 2.70
N LEU A 9 27.35 11.89 2.33
CA LEU A 9 26.50 12.69 3.22
C LEU A 9 25.02 12.82 2.78
N SER A 10 24.60 12.00 1.81
CA SER A 10 23.22 11.92 1.33
C SER A 10 23.01 10.58 0.60
N TYR A 11 21.77 10.25 0.27
CA TYR A 11 21.41 8.97 -0.33
C TYR A 11 20.40 9.15 -1.47
N LYS A 12 20.57 8.40 -2.57
CA LYS A 12 19.68 8.49 -3.70
C LYS A 12 19.15 7.15 -4.10
N GLU A 13 17.93 7.11 -4.61
CA GLU A 13 17.30 5.87 -5.07
C GLU A 13 16.25 6.19 -6.12
N LYS A 14 16.10 5.30 -7.11
CA LYS A 14 15.11 5.46 -8.18
C LYS A 14 13.97 4.47 -7.93
N PHE A 15 12.75 4.84 -8.32
CA PHE A 15 11.56 4.01 -8.14
C PHE A 15 10.70 4.07 -9.41
N VAL A 16 10.14 2.94 -9.83
CA VAL A 16 9.27 2.95 -11.02
C VAL A 16 7.83 2.94 -10.49
N VAL A 17 7.03 3.95 -10.83
CA VAL A 17 5.65 4.05 -10.30
C VAL A 17 4.79 2.83 -10.74
N ARG A 18 4.24 2.09 -9.76
CA ARG A 18 3.42 0.89 -9.96
C ARG A 18 1.94 1.18 -10.26
N SER A 19 1.24 0.23 -10.89
CA SER A 19 -0.17 0.34 -11.30
C SER A 19 -1.09 0.61 -10.14
N TYR A 20 -0.87 -0.08 -9.00
CA TYR A 20 -1.71 0.11 -7.82
C TYR A 20 -1.32 1.34 -6.97
N GLU A 21 -0.23 2.01 -7.32
CA GLU A 21 0.25 3.20 -6.62
C GLU A 21 -0.38 4.50 -7.14
N VAL A 22 -1.17 4.45 -8.25
CA VAL A 22 -1.72 5.68 -8.85
C VAL A 22 -3.22 5.91 -8.55
N GLY A 23 -3.65 7.17 -8.65
CA GLY A 23 -5.04 7.53 -8.40
C GLY A 23 -5.85 7.65 -9.69
N SER A 24 -6.94 8.43 -9.66
N SER A 24 -6.95 8.42 -9.66
N SER A 24 -6.94 8.43 -9.66
CA SER A 24 -7.83 8.64 -10.80
CA SER A 24 -7.83 8.61 -10.82
CA SER A 24 -7.83 8.64 -10.80
C SER A 24 -7.15 9.38 -11.97
C SER A 24 -7.17 9.41 -11.97
C SER A 24 -7.15 9.38 -11.97
N ASN A 25 -6.10 10.14 -11.68
CA ASN A 25 -5.34 10.91 -12.68
C ASN A 25 -4.25 10.09 -13.40
N LYS A 26 -4.11 8.79 -13.05
CA LYS A 26 -3.04 7.91 -13.57
C LYS A 26 -1.63 8.39 -13.14
N THR A 27 -1.54 9.12 -12.01
CA THR A 27 -0.28 9.58 -11.41
C THR A 27 -0.24 9.13 -9.94
N ALA A 28 0.96 9.03 -9.37
CA ALA A 28 1.12 8.58 -7.98
C ALA A 28 0.36 9.45 -6.99
N THR A 29 -0.30 8.82 -6.00
CA THR A 29 -1.02 9.55 -4.96
C THR A 29 0.01 10.19 -3.98
N VAL A 30 -0.44 11.12 -3.12
CA VAL A 30 0.48 11.72 -2.14
C VAL A 30 0.92 10.66 -1.09
N GLU A 31 0.11 9.60 -0.87
CA GLU A 31 0.43 8.51 0.04
C GLU A 31 1.50 7.62 -0.58
N THR A 32 1.46 7.37 -1.90
CA THR A 32 2.55 6.66 -2.58
C THR A 32 3.85 7.46 -2.44
N ILE A 33 3.79 8.78 -2.65
CA ILE A 33 4.95 9.64 -2.45
C ILE A 33 5.51 9.52 -1.02
N ALA A 34 4.65 9.67 0.02
CA ALA A 34 5.02 9.58 1.43
C ALA A 34 5.68 8.21 1.76
N ASN A 35 5.15 7.10 1.21
CA ASN A 35 5.72 5.76 1.38
C ASN A 35 7.12 5.69 0.77
N LEU A 36 7.31 6.32 -0.38
CA LEU A 36 8.60 6.32 -1.07
C LEU A 36 9.61 7.16 -0.25
N LEU A 37 9.18 8.30 0.32
CA LEU A 37 10.09 9.10 1.16
C LEU A 37 10.55 8.27 2.38
N GLN A 38 9.63 7.49 2.95
CA GLN A 38 9.89 6.62 4.10
C GLN A 38 10.87 5.53 3.68
N GLU A 39 10.66 4.91 2.52
CA GLU A 39 11.52 3.86 1.99
C GLU A 39 12.95 4.35 1.78
N VAL A 40 13.12 5.51 1.13
CA VAL A 40 14.47 6.02 0.87
C VAL A 40 15.15 6.41 2.23
N GLY A 41 14.36 6.89 3.21
CA GLY A 41 14.85 7.21 4.55
C GLY A 41 15.37 5.96 5.26
N CYS A 42 14.63 4.84 5.16
N CYS A 42 14.63 4.87 5.17
N CYS A 42 14.63 4.84 5.16
CA CYS A 42 15.00 3.57 5.75
CA CYS A 42 15.01 3.61 5.77
CA CYS A 42 15.00 3.57 5.75
C CYS A 42 16.27 3.03 5.09
C CYS A 42 16.26 3.04 5.10
C CYS A 42 16.27 3.03 5.09
N ASN A 43 16.37 3.14 3.76
CA ASN A 43 17.55 2.66 3.03
C ASN A 43 18.81 3.47 3.39
N HIS A 44 18.66 4.78 3.65
CA HIS A 44 19.75 5.65 4.10
C HIS A 44 20.24 5.20 5.49
N ALA A 45 19.32 4.96 6.46
CA ALA A 45 19.64 4.44 7.79
C ALA A 45 20.37 3.08 7.70
N GLN A 46 19.89 2.15 6.88
CA GLN A 46 20.53 0.84 6.72
C GLN A 46 21.96 0.97 6.17
N SER A 47 22.14 1.89 5.23
N SER A 47 22.15 1.88 5.23
N SER A 47 22.14 1.89 5.23
CA SER A 47 23.40 2.14 4.55
CA SER A 47 23.43 2.08 4.57
CA SER A 47 23.40 2.14 4.55
C SER A 47 24.54 2.52 5.49
C SER A 47 24.55 2.46 5.53
C SER A 47 24.54 2.52 5.49
N VAL A 48 24.23 3.16 6.63
CA VAL A 48 25.28 3.58 7.57
C VAL A 48 25.18 2.92 8.96
N GLY A 49 24.44 1.81 9.08
CA GLY A 49 24.39 1.05 10.32
C GLY A 49 23.35 1.39 11.37
N PHE A 50 22.37 2.27 11.06
CA PHE A 50 21.33 2.57 12.04
C PHE A 50 20.23 1.50 12.01
N SER A 51 19.32 1.47 13.03
CA SER A 51 18.21 0.52 12.99
C SER A 51 17.30 0.87 11.79
N THR A 52 16.61 -0.13 11.28
CA THR A 52 15.79 0.05 10.08
C THR A 52 14.25 -0.01 10.33
N ASP A 53 13.85 0.03 11.58
CA ASP A 53 12.45 -0.08 12.03
C ASP A 53 11.65 1.25 12.01
N GLY A 54 12.24 2.29 11.45
CA GLY A 54 11.62 3.62 11.43
C GLY A 54 12.06 4.46 12.61
N PHE A 55 12.84 3.91 13.57
CA PHE A 55 13.27 4.67 14.74
C PHE A 55 14.74 5.13 14.69
N ALA A 56 15.52 4.71 13.64
CA ALA A 56 16.92 5.09 13.41
C ALA A 56 17.79 5.15 14.67
N THR A 57 17.74 4.09 15.48
CA THR A 57 18.48 3.98 16.73
C THR A 57 19.92 3.45 16.58
N THR A 58 20.76 3.75 17.57
CA THR A 58 22.12 3.20 17.71
C THR A 58 22.07 2.16 18.87
N THR A 59 23.18 1.41 19.13
CA THR A 59 23.22 0.49 20.27
C THR A 59 22.99 1.28 21.59
N THR A 60 23.53 2.53 21.66
CA THR A 60 23.38 3.43 22.81
C THR A 60 21.90 3.77 23.08
N MET A 61 21.14 4.11 22.02
N MET A 61 21.14 4.11 22.02
N MET A 61 21.14 4.11 22.02
CA MET A 61 19.72 4.45 22.14
CA MET A 61 19.71 4.44 22.13
CA MET A 61 19.72 4.45 22.14
C MET A 61 18.87 3.23 22.48
C MET A 61 18.87 3.22 22.49
C MET A 61 18.87 3.23 22.48
N ARG A 62 19.21 2.05 21.93
CA ARG A 62 18.45 0.82 22.19
C ARG A 62 18.55 0.39 23.65
N LYS A 63 19.74 0.59 24.26
CA LYS A 63 19.98 0.27 25.67
C LYS A 63 19.13 1.19 26.57
N LEU A 64 18.98 2.47 26.16
CA LEU A 64 18.19 3.45 26.93
C LEU A 64 16.70 3.44 26.58
N HIS A 65 16.27 2.59 25.61
CA HIS A 65 14.89 2.50 25.11
C HIS A 65 14.46 3.85 24.48
N LEU A 66 15.38 4.52 23.79
CA LEU A 66 15.14 5.80 23.12
C LEU A 66 14.90 5.60 21.62
N ILE A 67 13.94 6.35 21.05
CA ILE A 67 13.58 6.29 19.63
C ILE A 67 13.43 7.70 19.04
N TRP A 68 13.53 7.81 17.70
CA TRP A 68 13.25 9.05 17.01
C TRP A 68 11.80 8.97 16.54
N VAL A 69 11.04 10.04 16.70
CA VAL A 69 9.64 10.07 16.30
C VAL A 69 9.35 11.33 15.45
N THR A 70 8.48 11.25 14.44
CA THR A 70 8.18 12.43 13.60
C THR A 70 7.31 13.41 14.38
N ALA A 71 7.71 14.67 14.43
CA ALA A 71 6.93 15.74 15.02
C ALA A 71 6.15 16.51 13.90
N ARG A 72 6.75 16.68 12.73
CA ARG A 72 6.11 17.36 11.61
C ARG A 72 6.62 16.82 10.28
N MET A 73 5.70 16.71 9.29
CA MET A 73 6.01 16.31 7.91
C MET A 73 5.45 17.45 6.98
N HIS A 74 6.24 17.92 6.02
CA HIS A 74 5.82 18.97 5.09
C HIS A 74 6.22 18.51 3.70
N ILE A 75 5.25 18.34 2.80
CA ILE A 75 5.52 17.89 1.45
C ILE A 75 4.94 18.86 0.41
N GLU A 76 5.73 19.22 -0.60
CA GLU A 76 5.29 20.07 -1.69
C GLU A 76 5.54 19.36 -3.03
N ILE A 77 4.46 19.10 -3.81
CA ILE A 77 4.55 18.41 -5.11
C ILE A 77 4.14 19.35 -6.25
N TYR A 78 5.02 19.47 -7.27
CA TYR A 78 4.83 20.28 -8.49
C TYR A 78 4.25 19.41 -9.61
N LYS A 79 4.73 18.18 -9.74
CA LYS A 79 4.26 17.21 -10.72
C LYS A 79 4.26 15.81 -10.08
N TYR A 80 3.13 15.13 -10.10
CA TYR A 80 3.05 13.76 -9.59
C TYR A 80 3.52 12.83 -10.72
N PRO A 81 4.47 11.91 -10.47
CA PRO A 81 4.94 11.04 -11.57
C PRO A 81 3.84 10.13 -12.12
N ALA A 82 3.81 9.94 -13.43
CA ALA A 82 2.81 9.07 -14.04
C ALA A 82 3.19 7.59 -13.81
N TRP A 83 2.20 6.66 -13.96
CA TRP A 83 2.40 5.21 -13.87
C TRP A 83 3.50 4.80 -14.86
N GLY A 84 4.50 4.09 -14.37
CA GLY A 84 5.59 3.64 -15.22
C GLY A 84 6.75 4.62 -15.29
N ASP A 85 6.58 5.85 -14.75
CA ASP A 85 7.67 6.83 -14.74
C ASP A 85 8.69 6.47 -13.65
N VAL A 86 9.94 6.91 -13.84
CA VAL A 86 11.00 6.66 -12.87
C VAL A 86 11.23 7.97 -12.14
N VAL A 87 11.05 7.95 -10.83
CA VAL A 87 11.30 9.13 -10.01
C VAL A 87 12.57 8.90 -9.19
N GLU A 88 13.48 9.89 -9.17
CA GLU A 88 14.70 9.77 -8.40
C GLU A 88 14.57 10.64 -7.14
N ILE A 89 14.85 10.08 -5.96
CA ILE A 89 14.73 10.82 -4.72
C ILE A 89 16.05 10.92 -3.97
N GLU A 90 16.45 12.13 -3.59
CA GLU A 90 17.67 12.30 -2.80
C GLU A 90 17.28 12.73 -1.37
N THR A 91 17.89 12.12 -0.35
CA THR A 91 17.59 12.43 1.03
C THR A 91 18.85 12.63 1.89
N TRP A 92 18.72 13.45 2.93
CA TRP A 92 19.81 13.72 3.85
C TRP A 92 19.24 14.11 5.19
N CYS A 93 20.07 14.03 6.21
CA CYS A 93 19.66 14.39 7.56
C CYS A 93 20.57 15.50 8.10
N GLN A 94 20.03 16.37 8.94
CA GLN A 94 20.80 17.42 9.59
C GLN A 94 20.38 17.54 11.05
N SER A 95 21.34 17.73 11.98
CA SER A 95 20.97 17.93 13.36
C SER A 95 20.52 19.38 13.55
N GLU A 96 19.58 19.61 14.46
CA GLU A 96 19.13 20.95 14.77
C GLU A 96 19.36 21.20 16.25
N GLY A 97 20.60 20.96 16.69
CA GLY A 97 21.00 21.14 18.08
C GLY A 97 20.33 20.14 18.99
N ARG A 98 19.97 20.56 20.20
CA ARG A 98 19.28 19.67 21.15
C ARG A 98 17.78 19.51 20.86
N ILE A 99 17.23 20.30 19.90
CA ILE A 99 15.82 20.22 19.54
C ILE A 99 15.49 18.84 18.98
N GLY A 100 16.33 18.37 18.07
CA GLY A 100 16.14 17.11 17.38
C GLY A 100 16.86 17.12 16.05
N THR A 101 16.32 16.39 15.06
CA THR A 101 16.91 16.31 13.73
C THR A 101 15.89 16.68 12.64
N ARG A 102 16.38 16.91 11.44
CA ARG A 102 15.55 17.22 10.29
C ARG A 102 15.97 16.31 9.12
N ARG A 103 15.01 15.65 8.45
CA ARG A 103 15.33 14.88 7.25
C ARG A 103 14.64 15.58 6.10
N ASP A 104 15.39 15.89 5.02
CA ASP A 104 14.90 16.55 3.81
C ASP A 104 14.93 15.59 2.60
N TRP A 105 14.13 15.88 1.58
CA TRP A 105 14.07 15.09 0.37
C TRP A 105 13.85 15.99 -0.82
N ILE A 106 14.44 15.61 -1.98
CA ILE A 106 14.22 16.28 -3.25
C ILE A 106 13.77 15.17 -4.21
N LEU A 107 12.65 15.38 -4.91
CA LEU A 107 12.17 14.42 -5.89
C LEU A 107 12.43 14.99 -7.28
N LYS A 108 12.92 14.16 -8.19
CA LYS A 108 13.21 14.60 -9.56
C LYS A 108 12.69 13.62 -10.59
N ASP A 109 12.33 14.12 -11.78
CA ASP A 109 11.96 13.25 -12.89
C ASP A 109 13.30 12.67 -13.40
N SER A 110 13.39 11.34 -13.50
CA SER A 110 14.62 10.69 -13.94
C SER A 110 14.97 11.00 -15.39
N VAL A 111 13.97 11.22 -16.25
CA VAL A 111 14.21 11.51 -17.65
C VAL A 111 14.69 12.95 -17.90
N THR A 112 14.00 13.94 -17.30
CA THR A 112 14.34 15.35 -17.55
C THR A 112 15.31 15.97 -16.53
N GLY A 113 15.37 15.41 -15.34
CA GLY A 113 16.23 15.94 -14.28
C GLY A 113 15.60 17.10 -13.49
N GLU A 114 14.38 17.51 -13.85
CA GLU A 114 13.72 18.61 -13.16
C GLU A 114 13.17 18.19 -11.80
N VAL A 115 13.24 19.12 -10.84
CA VAL A 115 12.70 18.93 -9.50
C VAL A 115 11.19 18.91 -9.59
N THR A 116 10.58 17.76 -9.28
CA THR A 116 9.11 17.63 -9.30
C THR A 116 8.46 17.72 -7.90
N GLY A 117 9.28 17.79 -6.85
CA GLY A 117 8.78 17.87 -5.49
C GLY A 117 9.88 18.00 -4.46
N ARG A 118 9.50 18.39 -3.25
CA ARG A 118 10.41 18.51 -2.11
C ARG A 118 9.68 18.27 -0.79
N ALA A 119 10.38 17.75 0.23
CA ALA A 119 9.79 17.49 1.52
C ALA A 119 10.79 17.74 2.65
N THR A 120 10.27 18.10 3.81
CA THR A 120 11.07 18.30 5.01
C THR A 120 10.30 17.71 6.21
N SER A 121 11.03 17.16 7.19
CA SER A 121 10.40 16.59 8.37
C SER A 121 11.24 16.87 9.60
N LYS A 122 10.58 17.16 10.74
CA LYS A 122 11.23 17.39 12.02
C LYS A 122 11.01 16.15 12.89
N TRP A 123 12.07 15.67 13.53
CA TRP A 123 12.08 14.48 14.37
C TRP A 123 12.53 14.81 15.78
N VAL A 124 11.90 14.22 16.80
CA VAL A 124 12.31 14.43 18.19
C VAL A 124 12.62 13.09 18.85
N MET A 125 13.45 13.09 19.89
CA MET A 125 13.80 11.88 20.62
C MET A 125 12.84 11.69 21.81
N MET A 126 12.45 10.45 22.05
CA MET A 126 11.46 10.12 23.07
C MET A 126 11.74 8.73 23.65
N ASN A 127 11.38 8.52 24.93
CA ASN A 127 11.51 7.20 25.51
C ASN A 127 10.32 6.40 24.96
N GLN A 128 10.60 5.24 24.37
CA GLN A 128 9.60 4.35 23.74
C GLN A 128 8.45 3.94 24.69
N ASP A 129 8.79 3.71 25.97
CA ASP A 129 7.84 3.23 26.97
C ASP A 129 7.07 4.34 27.69
N THR A 130 7.77 5.36 28.21
CA THR A 130 7.09 6.45 28.93
C THR A 130 6.48 7.50 28.04
N ARG A 131 6.91 7.55 26.75
CA ARG A 131 6.51 8.55 25.74
C ARG A 131 6.99 9.96 26.12
N ARG A 132 8.01 10.07 26.98
CA ARG A 132 8.52 11.35 27.41
C ARG A 132 9.61 11.81 26.49
N LEU A 133 9.44 13.02 25.97
CA LEU A 133 10.42 13.63 25.10
C LEU A 133 11.63 14.04 25.90
N GLN A 134 12.77 14.10 25.24
CA GLN A 134 13.99 14.57 25.87
C GLN A 134 14.92 15.14 24.84
N LYS A 135 15.71 16.14 25.24
CA LYS A 135 16.66 16.73 24.34
C LYS A 135 17.78 15.70 24.03
N VAL A 136 18.44 15.88 22.90
CA VAL A 136 19.47 14.95 22.45
C VAL A 136 20.78 15.13 23.23
N SER A 137 21.34 14.03 23.76
CA SER A 137 22.61 14.11 24.47
C SER A 137 23.79 14.22 23.48
N ASP A 138 24.96 14.67 23.96
CA ASP A 138 26.16 14.80 23.14
C ASP A 138 26.62 13.45 22.61
N ASP A 139 26.57 12.41 23.46
CA ASP A 139 26.95 11.07 23.04
C ASP A 139 26.09 10.53 21.90
N VAL A 140 24.75 10.77 21.95
CA VAL A 140 23.83 10.34 20.89
C VAL A 140 24.08 11.19 19.64
N ARG A 141 24.19 12.50 19.83
CA ARG A 141 24.46 13.44 18.74
C ARG A 141 25.72 13.06 17.93
N ASP A 142 26.84 12.81 18.62
CA ASP A 142 28.12 12.43 18.00
C ASP A 142 28.02 11.19 17.12
N GLU A 143 27.12 10.26 17.45
CA GLU A 143 26.93 9.06 16.66
C GLU A 143 26.40 9.36 15.27
N TYR A 144 25.53 10.41 15.10
CA TYR A 144 24.98 10.66 13.76
C TYR A 144 25.55 11.89 13.03
N LEU A 145 26.28 12.79 13.72
CA LEU A 145 26.85 13.98 13.08
C LEU A 145 27.77 13.68 11.91
N VAL A 146 28.50 12.54 12.01
CA VAL A 146 29.43 12.11 10.96
C VAL A 146 28.71 11.66 9.67
N PHE A 147 27.38 11.43 9.73
CA PHE A 147 26.61 11.03 8.56
C PHE A 147 25.78 12.18 7.93
N CYS A 148 25.89 13.38 8.47
CA CYS A 148 25.15 14.58 8.08
C CYS A 148 26.07 15.63 7.50
N PRO A 149 25.59 16.46 6.53
CA PRO A 149 26.43 17.59 6.09
C PRO A 149 26.53 18.62 7.24
N GLN A 150 27.68 19.27 7.39
CA GLN A 150 27.87 20.24 8.50
C GLN A 150 27.38 21.67 8.13
N GLU A 151 27.57 22.08 6.87
CA GLU A 151 27.03 23.38 6.41
C GLU A 151 25.53 23.20 6.14
N PRO A 152 24.69 24.22 6.37
CA PRO A 152 23.24 24.05 6.13
C PRO A 152 22.93 23.70 4.68
N ARG A 153 22.05 22.71 4.50
CA ARG A 153 21.56 22.21 3.22
C ARG A 153 20.05 22.05 3.43
N LEU A 154 19.27 23.00 2.93
CA LEU A 154 17.82 23.03 3.15
C LEU A 154 17.02 22.77 1.90
N ALA A 155 16.10 21.82 1.94
CA ALA A 155 15.15 21.63 0.82
C ALA A 155 14.19 22.84 0.72
N PHE A 156 13.97 23.58 1.82
CA PHE A 156 13.12 24.77 1.89
C PHE A 156 13.93 25.93 2.46
N PRO A 157 14.78 26.54 1.63
CA PRO A 157 15.62 27.64 2.13
C PRO A 157 14.88 28.96 2.36
N GLU A 158 13.90 29.30 1.50
CA GLU A 158 13.07 30.53 1.52
C GLU A 158 12.81 31.15 2.91
N GLU A 159 12.77 32.49 2.99
CA GLU A 159 12.59 33.23 4.24
C GLU A 159 11.24 32.95 4.93
N ASN A 160 10.12 33.14 4.21
CA ASN A 160 8.81 32.93 4.80
C ASN A 160 8.17 31.69 4.22
N ASN A 161 8.94 30.57 4.18
CA ASN A 161 8.47 29.30 3.64
C ASN A 161 7.41 28.64 4.51
N ARG A 162 6.46 27.98 3.86
CA ARG A 162 5.33 27.26 4.44
C ARG A 162 5.68 26.16 5.45
N SER A 163 6.85 25.51 5.29
CA SER A 163 7.26 24.39 6.15
C SER A 163 7.41 24.72 7.62
N LEU A 164 7.58 26.00 7.98
CA LEU A 164 7.75 26.38 9.39
C LEU A 164 6.56 27.18 9.97
N LYS A 165 5.43 27.22 9.25
CA LYS A 165 4.27 27.98 9.68
C LYS A 165 3.56 27.33 10.86
N LYS A 166 3.08 28.14 11.81
CA LYS A 166 2.35 27.68 12.99
C LYS A 166 0.94 27.23 12.54
N ILE A 167 0.48 26.03 12.97
CA ILE A 167 -0.85 25.52 12.58
C ILE A 167 -1.86 25.66 13.74
N PRO A 168 -3.00 26.32 13.50
CA PRO A 168 -3.99 26.51 14.57
C PRO A 168 -4.94 25.32 14.76
N LYS A 169 -5.67 25.30 15.88
CA LYS A 169 -6.59 24.21 16.16
C LYS A 169 -7.96 24.53 15.56
N LEU A 170 -8.48 23.63 14.70
CA LEU A 170 -9.80 23.74 14.05
C LEU A 170 -10.88 23.85 15.15
N GLU A 171 -11.79 24.79 15.01
CA GLU A 171 -12.87 24.98 15.96
C GLU A 171 -14.17 24.29 15.52
N ASP A 172 -14.93 23.74 16.48
CA ASP A 172 -16.20 23.08 16.15
C ASP A 172 -17.29 24.17 15.91
N PRO A 173 -18.20 23.98 14.94
CA PRO A 173 -18.32 22.81 14.06
C PRO A 173 -17.35 22.84 12.86
N ALA A 174 -16.90 21.68 12.41
CA ALA A 174 -16.03 21.58 11.24
C ALA A 174 -16.94 21.69 10.01
N GLN A 175 -16.43 22.21 8.87
CA GLN A 175 -17.30 22.32 7.69
C GLN A 175 -17.59 20.93 7.08
N TYR A 176 -16.58 20.03 7.14
CA TYR A 176 -16.65 18.65 6.64
C TYR A 176 -16.06 17.65 7.68
N SER A 177 -16.44 16.37 7.57
CA SER A 177 -15.94 15.36 8.47
C SER A 177 -16.07 13.96 7.89
N MET A 178 -15.18 13.07 8.33
CA MET A 178 -15.23 11.65 8.04
C MET A 178 -15.03 10.99 9.41
N ILE A 179 -16.03 10.31 9.88
CA ILE A 179 -16.12 9.77 11.25
C ILE A 179 -15.89 8.26 11.29
N GLY A 180 -15.37 7.77 12.42
CA GLY A 180 -15.21 6.35 12.66
C GLY A 180 -14.17 5.62 11.83
N LEU A 181 -13.06 6.29 11.51
CA LEU A 181 -11.96 5.70 10.77
C LEU A 181 -11.15 4.80 11.70
N LYS A 182 -10.88 3.56 11.28
CA LYS A 182 -10.12 2.61 12.08
C LYS A 182 -8.99 2.03 11.24
N PRO A 183 -7.80 1.82 11.82
CA PRO A 183 -6.71 1.20 11.06
C PRO A 183 -6.85 -0.32 10.93
N ARG A 184 -6.49 -0.87 9.77
CA ARG A 184 -6.47 -2.32 9.61
C ARG A 184 -5.01 -2.84 9.69
N ARG A 185 -4.77 -4.16 9.59
CA ARG A 185 -3.39 -4.66 9.71
C ARG A 185 -2.43 -4.05 8.65
N ALA A 186 -2.89 -3.81 7.40
CA ALA A 186 -2.07 -3.16 6.38
C ALA A 186 -1.63 -1.74 6.78
N ASP A 187 -2.37 -1.08 7.68
CA ASP A 187 -1.96 0.25 8.16
C ASP A 187 -0.85 0.21 9.22
N LEU A 188 -0.52 -0.98 9.76
CA LEU A 188 0.53 -1.10 10.78
C LEU A 188 1.90 -1.34 10.14
N ASP A 189 2.97 -0.99 10.85
CA ASP A 189 4.32 -1.25 10.41
C ASP A 189 4.85 -2.56 11.05
N MET A 190 6.15 -2.87 10.90
CA MET A 190 6.76 -4.06 11.46
C MET A 190 6.72 -4.13 13.00
N ASN A 191 6.58 -2.97 13.67
CA ASN A 191 6.49 -2.85 15.13
C ASN A 191 5.04 -2.84 15.65
N GLN A 192 4.04 -3.09 14.77
CA GLN A 192 2.60 -3.07 15.07
C GLN A 192 2.09 -1.65 15.45
N HIS A 193 2.80 -0.62 14.99
CA HIS A 193 2.45 0.79 15.17
C HIS A 193 1.77 1.31 13.88
N VAL A 194 0.81 2.25 13.98
CA VAL A 194 0.15 2.80 12.80
C VAL A 194 1.19 3.60 11.99
N ASN A 195 1.32 3.28 10.70
CA ASN A 195 2.27 3.95 9.81
C ASN A 195 1.92 5.43 9.70
N ASN A 196 2.93 6.33 9.69
CA ASN A 196 2.66 7.76 9.55
C ASN A 196 1.90 8.15 8.31
N VAL A 197 2.01 7.36 7.23
CA VAL A 197 1.33 7.65 5.96
C VAL A 197 -0.20 7.48 6.06
N THR A 198 -0.65 6.55 6.92
CA THR A 198 -2.08 6.32 7.19
C THR A 198 -2.73 7.62 7.67
N TYR A 199 -2.05 8.39 8.56
CA TYR A 199 -2.60 9.67 9.05
C TYR A 199 -2.82 10.68 7.92
N ILE A 200 -1.93 10.67 6.90
CA ILE A 200 -2.07 11.53 5.71
C ILE A 200 -3.37 11.11 4.98
N GLY A 201 -3.59 9.81 4.79
CA GLY A 201 -4.81 9.34 4.15
C GLY A 201 -6.07 9.72 4.92
N TRP A 202 -6.01 9.59 6.25
CA TRP A 202 -7.14 9.96 7.13
C TRP A 202 -7.45 11.46 7.06
N VAL A 203 -6.40 12.33 7.03
CA VAL A 203 -6.58 13.78 6.85
C VAL A 203 -7.37 14.08 5.56
N LEU A 204 -6.93 13.46 4.45
CA LEU A 204 -7.51 13.64 3.12
C LEU A 204 -8.94 13.09 2.97
N GLU A 205 -9.34 12.16 3.84
CA GLU A 205 -10.69 11.57 3.79
C GLU A 205 -11.84 12.55 4.02
N SER A 206 -11.60 13.62 4.77
CA SER A 206 -12.65 14.60 5.00
C SER A 206 -12.68 15.72 3.93
N ILE A 207 -11.82 15.66 2.89
CA ILE A 207 -11.86 16.64 1.80
C ILE A 207 -12.97 16.16 0.89
N PRO A 208 -13.89 17.03 0.47
CA PRO A 208 -14.99 16.58 -0.40
C PRO A 208 -14.47 16.01 -1.72
N GLN A 209 -15.15 14.96 -2.24
CA GLN A 209 -14.76 14.31 -3.48
C GLN A 209 -14.65 15.28 -4.65
N GLU A 210 -15.51 16.34 -4.70
CA GLU A 210 -15.49 17.35 -5.76
C GLU A 210 -14.18 18.11 -5.77
N ILE A 211 -13.60 18.39 -4.59
CA ILE A 211 -12.29 19.07 -4.54
C ILE A 211 -11.25 18.15 -5.14
N VAL A 212 -11.24 16.87 -4.71
CA VAL A 212 -10.31 15.88 -5.21
C VAL A 212 -10.40 15.67 -6.74
N ASP A 213 -11.63 15.67 -7.28
CA ASP A 213 -11.87 15.49 -8.71
C ASP A 213 -11.46 16.70 -9.58
N THR A 214 -11.51 17.92 -9.02
CA THR A 214 -11.20 19.12 -9.80
C THR A 214 -9.91 19.84 -9.41
N HIS A 215 -9.20 19.34 -8.40
CA HIS A 215 -7.98 19.98 -7.94
C HIS A 215 -6.85 18.98 -7.77
N GLU A 216 -5.62 19.50 -7.72
CA GLU A 216 -4.46 18.69 -7.40
C GLU A 216 -3.88 19.20 -6.08
N LEU A 217 -3.50 18.28 -5.20
CA LEU A 217 -2.86 18.64 -3.94
C LEU A 217 -1.46 19.19 -4.22
N GLN A 218 -1.17 20.42 -3.78
CA GLN A 218 0.16 21.00 -3.96
C GLN A 218 1.01 20.90 -2.70
N VAL A 219 0.48 21.27 -1.54
CA VAL A 219 1.24 21.27 -0.29
C VAL A 219 0.39 20.63 0.83
N ILE A 220 1.04 19.84 1.72
CA ILE A 220 0.44 19.27 2.93
C ILE A 220 1.44 19.41 4.07
N THR A 221 1.01 20.01 5.18
CA THR A 221 1.84 20.15 6.39
C THR A 221 1.07 19.42 7.48
N LEU A 222 1.73 18.51 8.19
CA LEU A 222 1.06 17.71 9.19
C LEU A 222 1.90 17.65 10.46
N ASP A 223 1.30 18.06 11.59
CA ASP A 223 1.88 17.98 12.93
C ASP A 223 1.37 16.66 13.56
N TYR A 224 2.24 15.97 14.27
CA TYR A 224 1.92 14.71 14.94
C TYR A 224 2.01 14.95 16.45
N ARG A 225 0.90 14.80 17.17
CA ARG A 225 0.84 15.07 18.60
C ARG A 225 0.82 13.80 19.44
N ARG A 226 0.08 12.80 18.98
CA ARG A 226 -0.12 11.56 19.69
C ARG A 226 -0.31 10.46 18.65
N GLU A 227 0.00 9.23 19.04
CA GLU A 227 -0.16 8.13 18.11
C GLU A 227 -1.51 7.42 18.31
N CYS A 228 -2.07 6.92 17.22
CA CYS A 228 -3.33 6.21 17.25
C CYS A 228 -2.98 4.75 17.49
N GLN A 229 -3.57 4.12 18.50
CA GLN A 229 -3.35 2.71 18.77
C GLN A 229 -4.14 1.88 17.75
N GLN A 230 -3.79 0.60 17.63
CA GLN A 230 -4.43 -0.36 16.72
C GLN A 230 -5.95 -0.51 17.00
N ASP A 231 -6.37 -0.27 18.25
CA ASP A 231 -7.77 -0.36 18.66
C ASP A 231 -8.47 1.01 18.84
N ASP A 232 -7.83 2.11 18.43
CA ASP A 232 -8.42 3.43 18.52
C ASP A 232 -9.34 3.72 17.30
N VAL A 233 -10.27 4.65 17.45
CA VAL A 233 -11.17 5.06 16.36
C VAL A 233 -10.98 6.55 16.17
N VAL A 234 -10.84 7.01 14.94
CA VAL A 234 -10.51 8.40 14.64
C VAL A 234 -11.57 9.16 13.83
N ASP A 235 -11.72 10.48 14.11
CA ASP A 235 -12.60 11.36 13.33
C ASP A 235 -11.69 12.37 12.65
N SER A 236 -11.88 12.56 11.34
CA SER A 236 -11.13 13.47 10.50
C SER A 236 -12.00 14.69 10.20
N LEU A 237 -11.53 15.87 10.55
CA LEU A 237 -12.29 17.11 10.40
C LEU A 237 -11.55 18.07 9.47
N THR A 238 -12.28 18.78 8.60
CA THR A 238 -11.76 19.75 7.62
C THR A 238 -12.66 21.00 7.49
N THR A 239 -12.04 22.18 7.43
CA THR A 239 -12.72 23.45 7.21
C THR A 239 -11.93 24.26 6.20
N THR A 240 -12.62 24.84 5.21
CA THR A 240 -11.99 25.67 4.20
C THR A 240 -11.52 26.99 4.84
N THR A 241 -10.27 27.38 4.63
CA THR A 241 -9.74 28.64 5.15
C THR A 241 -9.58 29.71 4.06
N SER A 242 -9.58 29.32 2.78
CA SER A 242 -9.46 30.25 1.67
C SER A 242 -10.78 31.04 1.43
N ASN A 259 -8.18 30.90 -7.39
CA ASN A 259 -7.61 29.75 -8.10
C ASN A 259 -7.08 28.67 -7.13
N ASP A 260 -6.77 29.04 -5.87
CA ASP A 260 -6.24 28.07 -4.92
C ASP A 260 -7.24 27.81 -3.79
N SER A 261 -7.28 26.58 -3.29
CA SER A 261 -8.12 26.23 -2.15
C SER A 261 -7.19 25.81 -0.98
N GLN A 262 -7.53 26.22 0.24
CA GLN A 262 -6.79 25.88 1.44
C GLN A 262 -7.77 25.37 2.47
N PHE A 263 -7.30 24.37 3.26
CA PHE A 263 -8.09 23.72 4.28
C PHE A 263 -7.26 23.59 5.58
N LEU A 264 -7.95 23.58 6.71
CA LEU A 264 -7.39 23.34 8.03
C LEU A 264 -7.93 21.97 8.45
N HIS A 265 -7.09 21.13 9.03
CA HIS A 265 -7.44 19.76 9.35
C HIS A 265 -7.22 19.40 10.81
N LEU A 266 -7.99 18.45 11.31
CA LEU A 266 -7.82 17.95 12.67
C LEU A 266 -8.24 16.48 12.73
N LEU A 267 -7.37 15.62 13.29
CA LEU A 267 -7.67 14.21 13.53
C LEU A 267 -7.72 14.12 15.06
N ARG A 268 -8.80 13.59 15.58
CA ARG A 268 -9.01 13.43 17.01
C ARG A 268 -9.68 12.08 17.28
N LEU A 269 -9.42 11.49 18.47
CA LEU A 269 -10.01 10.22 18.86
C LEU A 269 -11.52 10.39 18.97
N SER A 270 -12.26 9.45 18.40
CA SER A 270 -13.71 9.47 18.28
C SER A 270 -14.47 9.56 19.60
N GLY A 271 -13.88 9.02 20.67
CA GLY A 271 -14.53 9.04 21.96
C GLY A 271 -14.41 10.40 22.61
N ASP A 272 -13.32 10.57 23.37
CA ASP A 272 -13.04 11.78 24.15
C ASP A 272 -12.64 13.03 23.34
N GLY A 273 -12.41 12.92 22.04
CA GLY A 273 -12.02 14.09 21.25
C GLY A 273 -10.55 14.50 21.39
N GLN A 274 -9.73 13.62 21.99
CA GLN A 274 -8.27 13.88 22.14
C GLN A 274 -7.55 14.06 20.77
N GLU A 275 -6.84 15.18 20.60
CA GLU A 275 -6.10 15.46 19.37
C GLU A 275 -4.98 14.47 19.09
N ILE A 276 -4.93 13.96 17.84
CA ILE A 276 -3.82 13.09 17.46
C ILE A 276 -2.95 13.83 16.44
N ASN A 277 -3.56 14.58 15.48
CA ASN A 277 -2.83 15.37 14.48
C ASN A 277 -3.60 16.64 14.14
N ARG A 278 -2.90 17.60 13.56
CA ARG A 278 -3.47 18.79 12.96
C ARG A 278 -2.63 19.14 11.69
N GLY A 279 -3.25 19.77 10.70
CA GLY A 279 -2.53 20.11 9.48
C GLY A 279 -3.24 21.08 8.57
N THR A 280 -2.58 21.45 7.48
CA THR A 280 -3.12 22.30 6.43
C THR A 280 -2.81 21.64 5.06
N THR A 281 -3.69 21.85 4.08
CA THR A 281 -3.49 21.44 2.69
C THR A 281 -3.76 22.65 1.76
N LEU A 282 -3.05 22.70 0.63
CA LEU A 282 -3.22 23.74 -0.38
C LEU A 282 -3.40 23.00 -1.69
N TRP A 283 -4.51 23.26 -2.39
CA TRP A 283 -4.86 22.59 -3.63
C TRP A 283 -4.93 23.62 -4.78
N ARG A 284 -4.51 23.21 -5.97
CA ARG A 284 -4.57 24.09 -7.13
C ARG A 284 -5.53 23.51 -8.18
N LYS A 285 -6.29 24.38 -8.87
CA LYS A 285 -7.25 23.93 -9.89
C LYS A 285 -6.51 23.23 -11.02
N LYS A 286 -7.00 22.05 -11.45
CA LYS A 286 -6.37 21.26 -12.51
C LYS A 286 -6.31 22.02 -13.85
N GLY B 2 10.90 -5.63 -15.99
CA GLY B 2 10.21 -6.84 -16.44
C GLY B 2 10.25 -7.03 -17.94
N SER B 3 9.92 -8.23 -18.40
CA SER B 3 9.93 -8.53 -19.83
C SER B 3 9.18 -9.81 -20.14
N LEU B 4 8.67 -9.91 -21.37
CA LEU B 4 8.10 -11.16 -21.88
C LEU B 4 9.28 -12.16 -22.03
N THR B 5 9.03 -13.44 -21.80
CA THR B 5 10.06 -14.47 -21.93
C THR B 5 10.42 -14.68 -23.43
N GLU B 6 11.39 -15.55 -23.71
CA GLU B 6 11.87 -15.81 -25.06
C GLU B 6 10.76 -16.22 -26.06
N ASP B 7 9.88 -17.14 -25.66
CA ASP B 7 8.80 -17.56 -26.54
C ASP B 7 7.58 -16.57 -26.58
N GLY B 8 7.64 -15.48 -25.82
CA GLY B 8 6.56 -14.49 -25.80
C GLY B 8 5.24 -14.95 -25.19
N LEU B 9 5.20 -16.13 -24.54
CA LEU B 9 3.95 -16.64 -23.97
C LEU B 9 3.82 -16.55 -22.43
N SER B 10 4.72 -15.79 -21.80
CA SER B 10 4.68 -15.52 -20.37
C SER B 10 5.54 -14.27 -20.06
N TYR B 11 5.46 -13.75 -18.84
CA TYR B 11 6.12 -12.52 -18.45
C TYR B 11 6.78 -12.65 -17.08
N LYS B 12 7.98 -12.10 -16.93
CA LYS B 12 8.70 -12.17 -15.66
C LYS B 12 9.14 -10.80 -15.19
N GLU B 13 9.18 -10.61 -13.89
CA GLU B 13 9.61 -9.35 -13.29
C GLU B 13 10.17 -9.60 -11.89
N LYS B 14 11.19 -8.82 -11.50
CA LYS B 14 11.78 -8.93 -10.18
C LYS B 14 11.35 -7.73 -9.34
N PHE B 15 11.20 -7.93 -8.02
CA PHE B 15 10.78 -6.87 -7.10
C PHE B 15 11.64 -6.94 -5.84
N VAL B 16 12.04 -5.77 -5.30
CA VAL B 16 12.81 -5.77 -4.04
C VAL B 16 11.82 -5.45 -2.94
N VAL B 17 11.67 -6.32 -1.93
CA VAL B 17 10.68 -6.09 -0.86
C VAL B 17 11.01 -4.80 -0.05
N ARG B 18 10.07 -3.85 -0.01
CA ARG B 18 10.19 -2.57 0.68
C ARG B 18 9.89 -2.61 2.19
N SER B 19 10.41 -1.64 2.96
CA SER B 19 10.26 -1.54 4.42
C SER B 19 8.82 -1.48 4.85
N TYR B 20 7.98 -0.69 4.14
CA TYR B 20 6.57 -0.58 4.50
C TYR B 20 5.72 -1.75 3.98
N GLU B 21 6.28 -2.65 3.17
CA GLU B 21 5.59 -3.80 2.62
C GLU B 21 5.62 -5.03 3.54
N VAL B 22 6.36 -4.98 4.70
CA VAL B 22 6.49 -6.15 5.57
C VAL B 22 5.66 -6.06 6.87
N GLY B 23 5.37 -7.23 7.45
CA GLY B 23 4.60 -7.32 8.69
C GLY B 23 5.49 -7.43 9.92
N SER B 24 4.94 -7.95 11.03
CA SER B 24 5.69 -8.10 12.29
C SER B 24 6.78 -9.19 12.27
N ASN B 25 6.81 -10.02 11.21
CA ASN B 25 7.81 -11.07 10.99
C ASN B 25 9.01 -10.55 10.13
N LYS B 26 8.99 -9.26 9.72
CA LYS B 26 9.98 -8.67 8.81
C LYS B 26 9.99 -9.34 7.42
N THR B 27 8.84 -9.94 7.01
CA THR B 27 8.64 -10.54 5.69
C THR B 27 7.37 -9.92 5.04
N ALA B 28 7.29 -9.96 3.72
CA ALA B 28 6.16 -9.39 2.99
C ALA B 28 4.81 -9.96 3.44
N THR B 29 3.79 -9.11 3.59
CA THR B 29 2.45 -9.54 3.96
C THR B 29 1.80 -10.24 2.74
N VAL B 30 0.68 -10.95 2.94
CA VAL B 30 -0.02 -11.58 1.81
C VAL B 30 -0.64 -10.49 0.87
N GLU B 31 -0.93 -9.28 1.41
CA GLU B 31 -1.44 -8.17 0.64
C GLU B 31 -0.35 -7.58 -0.24
N THR B 32 0.90 -7.51 0.26
CA THR B 32 2.04 -7.10 -0.58
C THR B 32 2.21 -8.10 -1.72
N ILE B 33 2.14 -9.39 -1.43
CA ILE B 33 2.20 -10.42 -2.46
C ILE B 33 1.10 -10.23 -3.52
N ALA B 34 -0.17 -10.09 -3.09
CA ALA B 34 -1.32 -9.88 -3.97
C ALA B 34 -1.14 -8.63 -4.88
N ASN B 35 -0.62 -7.52 -4.33
CA ASN B 35 -0.32 -6.29 -5.09
C ASN B 35 0.74 -6.57 -6.15
N LEU B 36 1.76 -7.37 -5.80
CA LEU B 36 2.83 -7.70 -6.74
C LEU B 36 2.28 -8.58 -7.87
N LEU B 37 1.38 -9.55 -7.54
CA LEU B 37 0.77 -10.38 -8.60
C LEU B 37 -0.02 -9.50 -9.58
N GLN B 38 -0.73 -8.49 -9.04
CA GLN B 38 -1.52 -7.55 -9.81
C GLN B 38 -0.59 -6.72 -10.71
N GLU B 39 0.52 -6.23 -10.15
CA GLU B 39 1.50 -5.43 -10.86
C GLU B 39 2.10 -6.20 -12.04
N VAL B 40 2.52 -7.45 -11.82
CA VAL B 40 3.13 -8.23 -12.89
C VAL B 40 2.05 -8.55 -13.97
N GLY B 41 0.80 -8.75 -13.56
CA GLY B 41 -0.32 -8.98 -14.48
C GLY B 41 -0.57 -7.77 -15.37
N CYS B 42 -0.52 -6.56 -14.78
N CYS B 42 -0.52 -6.59 -14.78
N CYS B 42 -0.53 -6.56 -14.78
CA CYS B 42 -0.69 -5.30 -15.51
CA CYS B 42 -0.71 -5.33 -15.49
CA CYS B 42 -0.71 -5.32 -15.53
C CYS B 42 0.44 -5.12 -16.51
C CYS B 42 0.44 -5.10 -16.49
C CYS B 42 0.45 -5.12 -16.52
N ASN B 43 1.68 -5.40 -16.08
CA ASN B 43 2.85 -5.25 -16.95
C ASN B 43 2.81 -6.21 -18.15
N HIS B 44 2.28 -7.44 -17.94
CA HIS B 44 2.09 -8.42 -19.01
C HIS B 44 1.05 -7.90 -20.05
N ALA B 45 -0.11 -7.37 -19.58
CA ALA B 45 -1.13 -6.76 -20.43
C ALA B 45 -0.54 -5.59 -21.25
N GLN B 46 0.23 -4.69 -20.60
CA GLN B 46 0.84 -3.56 -21.30
C GLN B 46 1.80 -4.01 -22.40
N SER B 47 2.58 -5.06 -22.11
CA SER B 47 3.59 -5.58 -23.01
C SER B 47 3.03 -6.05 -24.34
N VAL B 48 1.76 -6.50 -24.38
CA VAL B 48 1.20 -6.98 -25.64
C VAL B 48 0.02 -6.16 -26.17
N GLY B 49 -0.16 -4.94 -25.66
CA GLY B 49 -1.18 -4.03 -26.18
C GLY B 49 -2.56 -4.04 -25.57
N PHE B 50 -2.77 -4.73 -24.43
CA PHE B 50 -4.10 -4.72 -23.80
C PHE B 50 -4.24 -3.46 -22.92
N SER B 51 -5.49 -3.15 -22.47
CA SER B 51 -5.67 -2.03 -21.55
C SER B 51 -4.94 -2.33 -20.23
N THR B 52 -4.51 -1.29 -19.52
CA THR B 52 -3.74 -1.47 -18.29
C THR B 52 -4.50 -1.08 -17.00
N ASP B 53 -5.80 -0.89 -17.10
CA ASP B 53 -6.68 -0.48 -16.00
C ASP B 53 -7.19 -1.62 -15.08
N GLY B 54 -6.66 -2.82 -15.28
CA GLY B 54 -7.10 -4.00 -14.54
C GLY B 54 -8.20 -4.77 -15.26
N PHE B 55 -8.71 -4.23 -16.41
CA PHE B 55 -9.77 -4.91 -17.14
C PHE B 55 -9.28 -5.64 -18.42
N ALA B 56 -7.99 -5.52 -18.79
CA ALA B 56 -7.34 -6.18 -19.94
C ALA B 56 -8.21 -6.24 -21.21
N THR B 57 -8.79 -5.10 -21.60
CA THR B 57 -9.66 -4.98 -22.76
C THR B 57 -8.91 -4.75 -24.09
N THR B 58 -9.58 -5.07 -25.20
CA THR B 58 -9.15 -4.77 -26.56
C THR B 58 -10.03 -3.61 -27.09
N THR B 59 -9.74 -3.05 -28.30
CA THR B 59 -10.59 -2.01 -28.90
C THR B 59 -12.04 -2.58 -29.08
N THR B 60 -12.14 -3.88 -29.43
CA THR B 60 -13.42 -4.58 -29.61
C THR B 60 -14.25 -4.61 -28.31
N MET B 61 -13.63 -4.95 -27.15
CA MET B 61 -14.32 -4.98 -25.85
C MET B 61 -14.70 -3.57 -25.41
N ARG B 62 -13.84 -2.59 -25.67
CA ARG B 62 -14.11 -1.20 -25.26
C ARG B 62 -15.32 -0.61 -25.94
N LYS B 63 -15.50 -0.93 -27.22
CA LYS B 63 -16.66 -0.49 -28.01
C LYS B 63 -17.94 -1.12 -27.43
N LEU B 64 -17.86 -2.38 -26.98
CA LEU B 64 -19.01 -3.09 -26.42
C LEU B 64 -19.23 -2.85 -24.92
N HIS B 65 -18.34 -2.08 -24.26
CA HIS B 65 -18.35 -1.81 -22.83
C HIS B 65 -18.16 -3.10 -22.00
N LEU B 66 -17.32 -4.01 -22.49
CA LEU B 66 -17.04 -5.29 -21.85
C LEU B 66 -15.70 -5.24 -21.08
N ILE B 67 -15.65 -5.89 -19.91
CA ILE B 67 -14.44 -5.94 -19.07
C ILE B 67 -14.20 -7.36 -18.53
N TRP B 68 -12.96 -7.65 -18.11
CA TRP B 68 -12.66 -8.91 -17.43
C TRP B 68 -12.72 -8.61 -15.94
N VAL B 69 -13.34 -9.51 -15.16
CA VAL B 69 -13.47 -9.32 -13.72
C VAL B 69 -13.03 -10.61 -13.01
N THR B 70 -12.39 -10.50 -11.82
CA THR B 70 -11.95 -11.69 -11.09
C THR B 70 -13.15 -12.40 -10.45
N ALA B 71 -13.28 -13.70 -10.68
CA ALA B 71 -14.30 -14.51 -10.05
C ALA B 71 -13.69 -15.27 -8.82
N ARG B 72 -12.41 -15.65 -8.88
CA ARG B 72 -11.75 -16.38 -7.80
C ARG B 72 -10.24 -16.12 -7.82
N MET B 73 -9.63 -15.96 -6.64
CA MET B 73 -8.18 -15.80 -6.46
C MET B 73 -7.73 -16.93 -5.47
N HIS B 74 -6.66 -17.65 -5.78
CA HIS B 74 -6.16 -18.72 -4.90
C HIS B 74 -4.64 -18.53 -4.80
N ILE B 75 -4.13 -18.30 -3.60
CA ILE B 75 -2.71 -18.08 -3.40
C ILE B 75 -2.12 -19.05 -2.35
N GLU B 76 -0.97 -19.65 -2.64
N GLU B 76 -0.97 -19.65 -2.66
N GLU B 76 -0.97 -19.65 -2.64
CA GLU B 76 -0.30 -20.53 -1.70
CA GLU B 76 -0.28 -20.56 -1.74
CA GLU B 76 -0.30 -20.53 -1.70
C GLU B 76 1.15 -20.07 -1.53
C GLU B 76 1.15 -20.06 -1.53
C GLU B 76 1.15 -20.07 -1.53
N ILE B 77 1.53 -19.72 -0.29
CA ILE B 77 2.88 -19.24 0.01
C ILE B 77 3.63 -20.21 0.93
N TYR B 78 4.84 -20.62 0.52
CA TYR B 78 5.74 -21.53 1.26
C TYR B 78 6.73 -20.72 2.12
N LYS B 79 7.25 -19.63 1.56
CA LYS B 79 8.16 -18.73 2.24
C LYS B 79 7.83 -17.29 1.82
N TYR B 80 7.59 -16.40 2.78
CA TYR B 80 7.36 -15.00 2.49
C TYR B 80 8.72 -14.33 2.36
N PRO B 81 8.98 -13.57 1.28
CA PRO B 81 10.32 -12.95 1.12
C PRO B 81 10.61 -11.93 2.23
N ALA B 82 11.85 -11.92 2.73
CA ALA B 82 12.23 -10.96 3.76
C ALA B 82 12.42 -9.57 3.13
N TRP B 83 12.37 -8.53 3.95
CA TRP B 83 12.54 -7.18 3.46
C TRP B 83 13.95 -6.98 2.91
N GLY B 84 14.00 -6.45 1.71
CA GLY B 84 15.27 -6.32 0.99
C GLY B 84 15.56 -7.49 0.08
N ASP B 85 14.77 -8.58 0.16
CA ASP B 85 14.96 -9.74 -0.72
C ASP B 85 14.39 -9.43 -2.11
N VAL B 86 14.90 -10.11 -3.12
CA VAL B 86 14.43 -9.94 -4.49
C VAL B 86 13.59 -11.17 -4.81
N VAL B 87 12.33 -10.96 -5.13
CA VAL B 87 11.45 -12.04 -5.52
C VAL B 87 11.19 -11.95 -7.03
N GLU B 88 11.31 -13.08 -7.74
CA GLU B 88 11.05 -13.09 -9.18
C GLU B 88 9.69 -13.76 -9.41
N ILE B 89 8.81 -13.11 -10.18
CA ILE B 89 7.48 -13.64 -10.44
C ILE B 89 7.23 -13.89 -11.92
N GLU B 90 6.80 -15.10 -12.29
CA GLU B 90 6.45 -15.39 -13.67
C GLU B 90 4.94 -15.56 -13.80
N THR B 91 4.33 -14.94 -14.82
CA THR B 91 2.89 -15.01 -15.03
C THR B 91 2.50 -15.32 -16.47
N TRP B 92 1.36 -15.98 -16.63
CA TRP B 92 0.86 -16.32 -17.94
C TRP B 92 -0.66 -16.44 -17.88
N CYS B 93 -1.29 -16.38 -19.03
CA CYS B 93 -2.74 -16.49 -19.12
C CYS B 93 -3.12 -17.68 -20.00
N GLN B 94 -4.28 -18.30 -19.75
CA GLN B 94 -4.76 -19.41 -20.55
C GLN B 94 -6.29 -19.30 -20.68
N SER B 95 -6.83 -19.50 -21.90
CA SER B 95 -8.29 -19.45 -22.05
C SER B 95 -8.87 -20.77 -21.52
N GLU B 96 -10.08 -20.71 -20.97
CA GLU B 96 -10.77 -21.89 -20.50
C GLU B 96 -12.09 -21.98 -21.23
N GLY B 97 -12.03 -21.94 -22.56
CA GLY B 97 -13.19 -22.00 -23.44
C GLY B 97 -14.07 -20.79 -23.28
N ARG B 98 -15.39 -20.99 -23.35
CA ARG B 98 -16.35 -19.90 -23.19
C ARG B 98 -16.55 -19.50 -21.72
N ILE B 99 -16.02 -20.27 -20.76
CA ILE B 99 -16.17 -19.98 -19.33
C ILE B 99 -15.50 -18.64 -18.99
N GLY B 100 -14.29 -18.45 -19.49
CA GLY B 100 -13.50 -17.26 -19.22
C GLY B 100 -12.03 -17.57 -19.38
N THR B 101 -11.18 -16.90 -18.61
CA THR B 101 -9.73 -17.09 -18.66
C THR B 101 -9.16 -17.39 -17.27
N ARG B 102 -7.91 -17.85 -17.24
CA ARG B 102 -7.20 -18.14 -16.01
C ARG B 102 -5.81 -17.49 -16.08
N ARG B 103 -5.43 -16.75 -15.02
CA ARG B 103 -4.07 -16.20 -14.97
C ARG B 103 -3.39 -16.90 -13.81
N ASP B 104 -2.18 -17.47 -14.06
CA ASP B 104 -1.35 -18.17 -13.07
C ASP B 104 -0.07 -17.41 -12.77
N TRP B 105 0.54 -17.67 -11.62
CA TRP B 105 1.79 -17.04 -11.22
C TRP B 105 2.64 -18.03 -10.45
N ILE B 106 3.98 -17.92 -10.60
CA ILE B 106 4.95 -18.67 -9.82
C ILE B 106 5.88 -17.65 -9.19
N LEU B 107 6.06 -17.73 -7.87
N LEU B 107 6.07 -17.74 -7.88
N LEU B 107 6.06 -17.73 -7.86
CA LEU B 107 6.97 -16.85 -7.15
CA LEU B 107 6.97 -16.85 -7.16
CA LEU B 107 6.97 -16.85 -7.15
C LEU B 107 8.24 -17.62 -6.82
C LEU B 107 8.25 -17.62 -6.83
C LEU B 107 8.24 -17.62 -6.82
N LYS B 108 9.41 -17.02 -7.04
CA LYS B 108 10.69 -17.67 -6.75
C LYS B 108 11.65 -16.74 -6.02
N ASP B 109 12.53 -17.31 -5.19
CA ASP B 109 13.57 -16.55 -4.52
C ASP B 109 14.61 -16.29 -5.62
N SER B 110 14.99 -15.03 -5.84
CA SER B 110 15.93 -14.69 -6.89
C SER B 110 17.34 -15.23 -6.63
N VAL B 111 17.73 -15.36 -5.35
CA VAL B 111 19.05 -15.87 -5.01
C VAL B 111 19.18 -17.39 -5.18
N THR B 112 18.22 -18.16 -4.66
CA THR B 112 18.29 -19.63 -4.70
C THR B 112 17.58 -20.28 -5.90
N GLY B 113 16.60 -19.60 -6.47
CA GLY B 113 15.83 -20.13 -7.59
C GLY B 113 14.69 -21.05 -7.17
N GLU B 114 14.52 -21.28 -5.85
CA GLU B 114 13.45 -22.14 -5.37
C GLU B 114 12.08 -21.46 -5.42
N VAL B 115 11.04 -22.25 -5.73
CA VAL B 115 9.67 -21.79 -5.76
C VAL B 115 9.22 -21.51 -4.34
N THR B 116 8.95 -20.25 -4.03
CA THR B 116 8.49 -19.86 -2.70
C THR B 116 6.96 -19.64 -2.61
N GLY B 117 6.27 -19.72 -3.75
CA GLY B 117 4.82 -19.56 -3.79
C GLY B 117 4.22 -19.73 -5.17
N ARG B 118 2.89 -19.84 -5.23
N ARG B 118 2.89 -19.85 -5.23
N ARG B 118 2.89 -19.85 -5.22
CA ARG B 118 2.15 -19.98 -6.49
CA ARG B 118 2.15 -19.99 -6.49
CA ARG B 118 2.14 -20.00 -6.46
C ARG B 118 0.71 -19.50 -6.36
C ARG B 118 0.72 -19.51 -6.35
C ARG B 118 0.71 -19.49 -6.34
N ALA B 119 0.15 -18.96 -7.44
CA ALA B 119 -1.22 -18.45 -7.41
C ALA B 119 -1.94 -18.73 -8.71
N THR B 120 -3.27 -18.83 -8.63
CA THR B 120 -4.13 -19.03 -9.79
C THR B 120 -5.39 -18.17 -9.61
N SER B 121 -5.93 -17.65 -10.70
CA SER B 121 -7.14 -16.82 -10.64
C SER B 121 -8.02 -17.10 -11.83
N LYS B 122 -9.35 -17.12 -11.61
CA LYS B 122 -10.36 -17.31 -12.67
C LYS B 122 -10.99 -15.94 -12.94
N TRP B 123 -11.12 -15.59 -14.22
CA TRP B 123 -11.66 -14.32 -14.68
C TRP B 123 -12.87 -14.56 -15.59
N VAL B 124 -13.91 -13.73 -15.47
CA VAL B 124 -15.08 -13.83 -16.35
C VAL B 124 -15.34 -12.49 -17.06
N MET B 125 -15.99 -12.51 -18.23
CA MET B 125 -16.31 -11.29 -18.94
C MET B 125 -17.67 -10.77 -18.53
N MET B 126 -17.78 -9.45 -18.40
CA MET B 126 -18.99 -8.82 -17.87
C MET B 126 -19.20 -7.47 -18.55
N ASN B 127 -20.49 -7.05 -18.69
CA ASN B 127 -20.75 -5.72 -19.21
C ASN B 127 -20.50 -4.78 -18.03
N GLN B 128 -19.65 -3.77 -18.22
CA GLN B 128 -19.25 -2.80 -17.20
C GLN B 128 -20.44 -2.07 -16.55
N ASP B 129 -21.46 -1.74 -17.36
CA ASP B 129 -22.62 -0.97 -16.93
C ASP B 129 -23.75 -1.79 -16.36
N THR B 130 -24.18 -2.87 -17.06
CA THR B 130 -25.29 -3.70 -16.54
C THR B 130 -24.86 -4.72 -15.50
N ARG B 131 -23.53 -4.99 -15.40
CA ARG B 131 -22.88 -5.97 -14.53
C ARG B 131 -23.29 -7.41 -14.89
N ARG B 132 -23.83 -7.64 -16.12
CA ARG B 132 -24.29 -8.94 -16.58
C ARG B 132 -23.16 -9.73 -17.21
N LEU B 133 -23.04 -10.98 -16.80
CA LEU B 133 -22.00 -11.87 -17.31
C LEU B 133 -22.22 -12.29 -18.74
N GLN B 134 -21.13 -12.45 -19.47
CA GLN B 134 -21.14 -12.86 -20.87
C GLN B 134 -20.28 -14.11 -20.98
N LYS B 135 -20.75 -15.12 -21.73
CA LYS B 135 -20.03 -16.38 -21.91
C LYS B 135 -18.95 -16.22 -23.00
N VAL B 136 -18.10 -15.17 -22.89
CA VAL B 136 -17.05 -14.83 -23.85
C VAL B 136 -17.65 -14.75 -25.29
N SER B 137 -16.84 -14.62 -26.36
CA SER B 137 -17.38 -14.50 -27.70
C SER B 137 -16.72 -15.53 -28.66
N ASP B 138 -15.90 -15.08 -29.62
CA ASP B 138 -15.19 -15.83 -30.67
C ASP B 138 -14.15 -14.86 -31.21
N ASP B 139 -14.60 -13.65 -31.60
CA ASP B 139 -13.75 -12.56 -32.06
C ASP B 139 -12.94 -11.99 -30.89
N VAL B 140 -13.51 -11.98 -29.65
CA VAL B 140 -12.82 -11.53 -28.45
C VAL B 140 -11.75 -12.58 -28.08
N ARG B 141 -12.11 -13.88 -28.11
CA ARG B 141 -11.19 -14.98 -27.82
C ARG B 141 -9.95 -14.96 -28.71
N ASP B 142 -10.14 -14.83 -30.03
CA ASP B 142 -9.07 -14.81 -31.04
C ASP B 142 -8.04 -13.69 -30.81
N GLU B 143 -8.46 -12.60 -30.16
CA GLU B 143 -7.57 -11.49 -29.86
C GLU B 143 -6.54 -11.86 -28.79
N TYR B 144 -6.87 -12.74 -27.82
CA TYR B 144 -5.88 -13.06 -26.77
C TYR B 144 -5.24 -14.45 -26.89
N LEU B 145 -5.79 -15.37 -27.69
CA LEU B 145 -5.23 -16.73 -27.82
C LEU B 145 -3.77 -16.74 -28.28
N VAL B 146 -3.39 -15.76 -29.12
CA VAL B 146 -2.03 -15.64 -29.64
C VAL B 146 -1.01 -15.23 -28.55
N PHE B 147 -1.48 -14.77 -27.39
CA PHE B 147 -0.60 -14.38 -26.29
C PHE B 147 -0.53 -15.41 -25.14
N CYS B 148 -1.21 -16.55 -25.29
CA CYS B 148 -1.33 -17.64 -24.33
C CYS B 148 -0.68 -18.89 -24.82
N PRO B 149 -0.11 -19.73 -23.91
CA PRO B 149 0.37 -21.05 -24.38
C PRO B 149 -0.83 -21.93 -24.78
N GLN B 150 -0.69 -22.76 -25.82
CA GLN B 150 -1.80 -23.60 -26.28
C GLN B 150 -1.88 -24.96 -25.53
N GLU B 151 -0.73 -25.55 -25.16
CA GLU B 151 -0.74 -26.76 -24.34
C GLU B 151 -1.03 -26.33 -22.88
N PRO B 152 -1.73 -27.14 -22.06
CA PRO B 152 -1.99 -26.74 -20.67
C PRO B 152 -0.71 -26.50 -19.87
N ARG B 153 -0.66 -25.40 -19.14
CA ARG B 153 0.45 -24.99 -18.28
C ARG B 153 -0.23 -24.52 -16.99
N LEU B 154 -0.20 -25.37 -15.96
CA LEU B 154 -0.91 -25.07 -14.73
C LEU B 154 -0.02 -24.88 -13.53
N ALA B 155 -0.20 -23.76 -12.82
CA ALA B 155 0.53 -23.56 -11.56
C ALA B 155 0.07 -24.56 -10.48
N PHE B 156 -1.15 -25.12 -10.61
CA PHE B 156 -1.74 -26.11 -9.70
C PHE B 156 -2.22 -27.28 -10.56
N PRO B 157 -1.31 -28.14 -11.02
CA PRO B 157 -1.71 -29.22 -11.93
C PRO B 157 -2.49 -30.35 -11.29
N GLU B 158 -2.16 -30.74 -10.04
CA GLU B 158 -2.81 -31.83 -9.30
C GLU B 158 -4.34 -31.91 -9.46
N GLU B 159 -4.89 -33.11 -9.70
CA GLU B 159 -6.35 -33.24 -9.83
C GLU B 159 -6.98 -33.13 -8.44
N ASN B 160 -8.14 -32.45 -8.35
CA ASN B 160 -8.86 -32.21 -7.10
C ASN B 160 -7.99 -31.47 -6.04
N ASN B 161 -7.21 -30.45 -6.49
CA ASN B 161 -6.35 -29.67 -5.57
C ASN B 161 -7.17 -28.54 -4.87
N ARG B 162 -6.54 -27.83 -3.91
CA ARG B 162 -7.25 -26.79 -3.16
C ARG B 162 -7.84 -25.65 -4.00
N SER B 163 -7.18 -25.25 -5.11
CA SER B 163 -7.61 -24.14 -5.95
C SER B 163 -8.99 -24.28 -6.58
N LEU B 164 -9.48 -25.52 -6.72
CA LEU B 164 -10.78 -25.77 -7.35
C LEU B 164 -11.89 -26.22 -6.37
N LYS B 165 -11.62 -26.17 -5.06
CA LYS B 165 -12.56 -26.63 -4.05
C LYS B 165 -13.75 -25.71 -3.93
N LYS B 166 -14.95 -26.27 -3.77
CA LYS B 166 -16.19 -25.51 -3.59
C LYS B 166 -16.22 -24.91 -2.17
N ILE B 167 -16.52 -23.60 -2.02
CA ILE B 167 -16.55 -22.92 -0.72
C ILE B 167 -17.99 -22.72 -0.22
N PRO B 168 -18.29 -23.20 1.00
CA PRO B 168 -19.66 -23.06 1.52
C PRO B 168 -19.94 -21.71 2.17
N LYS B 169 -21.23 -21.42 2.42
CA LYS B 169 -21.61 -20.14 3.03
C LYS B 169 -21.59 -20.27 4.55
N LEU B 170 -20.82 -19.41 5.24
CA LEU B 170 -20.70 -19.36 6.70
C LEU B 170 -22.10 -19.13 7.29
N GLU B 171 -22.45 -19.89 8.32
CA GLU B 171 -23.75 -19.76 8.97
C GLU B 171 -23.68 -18.90 10.23
N ASP B 172 -24.72 -18.11 10.51
CA ASP B 172 -24.75 -17.27 11.71
C ASP B 172 -25.11 -18.14 12.93
N PRO B 173 -24.51 -17.91 14.11
CA PRO B 173 -23.52 -16.86 14.39
C PRO B 173 -22.09 -17.23 13.97
N ALA B 174 -21.30 -16.23 13.58
CA ALA B 174 -19.89 -16.45 13.21
C ALA B 174 -19.11 -16.53 14.52
N GLN B 175 -17.97 -17.27 14.55
CA GLN B 175 -17.21 -17.36 15.80
C GLN B 175 -16.49 -16.04 16.12
N TYR B 176 -16.03 -15.33 15.06
CA TYR B 176 -15.34 -14.05 15.12
C TYR B 176 -15.90 -13.06 14.08
N SER B 177 -15.71 -11.76 14.31
CA SER B 177 -16.17 -10.74 13.38
C SER B 177 -15.43 -9.42 13.54
N MET B 178 -15.34 -8.67 12.45
CA MET B 178 -14.84 -7.32 12.42
C MET B 178 -15.92 -6.54 11.64
N ILE B 179 -16.60 -5.63 12.31
CA ILE B 179 -17.74 -4.93 11.74
C ILE B 179 -17.44 -3.47 11.35
N GLY B 180 -18.20 -2.95 10.41
CA GLY B 180 -18.10 -1.55 9.99
C GLY B 180 -16.84 -1.15 9.24
N LEU B 181 -16.28 -2.06 8.44
CA LEU B 181 -15.10 -1.78 7.63
C LEU B 181 -15.52 -0.94 6.42
N LYS B 182 -14.81 0.17 6.17
CA LYS B 182 -15.11 1.05 5.06
C LYS B 182 -13.82 1.30 4.26
N PRO B 183 -13.90 1.35 2.92
CA PRO B 183 -12.71 1.67 2.13
C PRO B 183 -12.36 3.16 2.12
N ARG B 184 -11.08 3.49 2.15
CA ARG B 184 -10.65 4.90 2.01
C ARG B 184 -10.12 5.13 0.58
N ARG B 185 -9.69 6.36 0.22
CA ARG B 185 -9.23 6.61 -1.14
C ARG B 185 -8.04 5.70 -1.55
N ALA B 186 -7.10 5.38 -0.62
CA ALA B 186 -6.00 4.47 -0.90
C ALA B 186 -6.47 3.07 -1.28
N ASP B 187 -7.68 2.68 -0.88
CA ASP B 187 -8.22 1.36 -1.26
C ASP B 187 -8.80 1.33 -2.67
N LEU B 188 -8.95 2.49 -3.34
CA LEU B 188 -9.51 2.53 -4.69
C LEU B 188 -8.40 2.45 -5.74
N ASP B 189 -8.74 1.99 -6.94
CA ASP B 189 -7.81 1.95 -8.06
C ASP B 189 -7.97 3.21 -8.94
N MET B 190 -7.33 3.25 -10.12
CA MET B 190 -7.40 4.38 -11.04
C MET B 190 -8.83 4.65 -11.58
N ASN B 191 -9.70 3.62 -11.56
CA ASN B 191 -11.10 3.71 -12.01
C ASN B 191 -12.09 4.02 -10.87
N GLN B 192 -11.58 4.34 -9.66
CA GLN B 192 -12.37 4.61 -8.45
C GLN B 192 -13.15 3.38 -7.94
N HIS B 193 -12.67 2.18 -8.29
CA HIS B 193 -13.22 0.90 -7.87
C HIS B 193 -12.36 0.36 -6.69
N VAL B 194 -12.98 -0.36 -5.72
CA VAL B 194 -12.22 -0.94 -4.60
C VAL B 194 -11.26 -2.01 -5.15
N ASN B 195 -9.97 -1.89 -4.84
CA ASN B 195 -8.93 -2.82 -5.28
C ASN B 195 -9.24 -4.21 -4.74
N ASN B 196 -9.05 -5.27 -5.54
CA ASN B 196 -9.29 -6.63 -5.08
C ASN B 196 -8.48 -7.04 -3.86
N VAL B 197 -7.30 -6.43 -3.65
CA VAL B 197 -6.43 -6.75 -2.51
C VAL B 197 -7.02 -6.28 -1.18
N THR B 198 -7.78 -5.17 -1.20
CA THR B 198 -8.48 -4.65 -0.01
C THR B 198 -9.40 -5.74 0.57
N TYR B 199 -10.12 -6.50 -0.29
CA TYR B 199 -11.00 -7.59 0.19
C TYR B 199 -10.22 -8.68 0.94
N ILE B 200 -8.97 -8.97 0.50
CA ILE B 200 -8.08 -9.92 1.19
C ILE B 200 -7.80 -9.37 2.60
N GLY B 201 -7.46 -8.08 2.70
CA GLY B 201 -7.21 -7.47 4.01
C GLY B 201 -8.43 -7.52 4.92
N TRP B 202 -9.60 -7.24 4.36
CA TRP B 202 -10.86 -7.27 5.12
C TRP B 202 -11.19 -8.69 5.62
N VAL B 203 -10.95 -9.74 4.78
CA VAL B 203 -11.13 -11.13 5.19
C VAL B 203 -10.27 -11.44 6.44
N LEU B 204 -8.97 -11.07 6.36
CA LEU B 204 -7.99 -11.31 7.43
C LEU B 204 -8.24 -10.53 8.71
N GLU B 205 -9.02 -9.43 8.65
CA GLU B 205 -9.34 -8.61 9.82
C GLU B 205 -10.11 -9.32 10.92
N SER B 206 -10.92 -10.32 10.55
CA SER B 206 -11.68 -11.06 11.56
C SER B 206 -10.93 -12.28 12.13
N ILE B 207 -9.67 -12.50 11.72
CA ILE B 207 -8.85 -13.58 12.28
C ILE B 207 -8.30 -13.02 13.57
N PRO B 208 -8.40 -13.75 14.68
CA PRO B 208 -7.90 -13.21 15.95
C PRO B 208 -6.39 -12.92 15.92
N GLN B 209 -5.96 -11.86 16.60
CA GLN B 209 -4.57 -11.46 16.62
C GLN B 209 -3.63 -12.58 17.10
N GLU B 210 -4.08 -13.44 18.02
CA GLU B 210 -3.27 -14.55 18.52
C GLU B 210 -2.97 -15.59 17.44
N ILE B 211 -3.91 -15.78 16.49
CA ILE B 211 -3.64 -16.69 15.37
C ILE B 211 -2.53 -16.06 14.52
N VAL B 212 -2.68 -14.76 14.19
CA VAL B 212 -1.71 -14.02 13.39
C VAL B 212 -0.31 -14.01 14.03
N ASP B 213 -0.24 -13.85 15.35
CA ASP B 213 1.02 -13.81 16.09
C ASP B 213 1.74 -15.18 16.19
N THR B 214 0.98 -16.29 16.18
CA THR B 214 1.58 -17.62 16.34
C THR B 214 1.55 -18.51 15.10
N HIS B 215 0.94 -18.02 14.00
CA HIS B 215 0.83 -18.81 12.78
C HIS B 215 1.27 -18.02 11.56
N GLU B 216 1.54 -18.74 10.47
CA GLU B 216 1.82 -18.12 9.20
C GLU B 216 0.71 -18.55 8.23
N LEU B 217 0.19 -17.61 7.44
CA LEU B 217 -0.82 -17.93 6.43
C LEU B 217 -0.17 -18.76 5.32
N GLN B 218 -0.72 -19.94 5.07
CA GLN B 218 -0.19 -20.81 4.03
C GLN B 218 -1.01 -20.73 2.71
N VAL B 219 -2.34 -20.82 2.79
CA VAL B 219 -3.23 -20.79 1.61
C VAL B 219 -4.43 -19.87 1.89
N ILE B 220 -4.87 -19.10 0.87
CA ILE B 220 -6.08 -18.28 0.90
C ILE B 220 -6.81 -18.48 -0.44
N THR B 221 -8.09 -18.82 -0.38
CA THR B 221 -8.93 -18.97 -1.58
C THR B 221 -10.07 -17.97 -1.38
N LEU B 222 -10.32 -17.12 -2.36
CA LEU B 222 -11.33 -16.09 -2.24
C LEU B 222 -12.20 -16.03 -3.48
N ASP B 223 -13.51 -16.16 -3.31
CA ASP B 223 -14.54 -16.03 -4.34
C ASP B 223 -15.06 -14.58 -4.28
N TYR B 224 -15.28 -13.97 -5.42
CA TYR B 224 -15.77 -12.60 -5.54
C TYR B 224 -17.18 -12.65 -6.16
N ARG B 225 -18.19 -12.21 -5.41
CA ARG B 225 -19.59 -12.30 -5.87
C ARG B 225 -20.12 -10.93 -6.31
N ARG B 226 -19.78 -9.90 -5.59
CA ARG B 226 -20.27 -8.56 -5.83
C ARG B 226 -19.20 -7.57 -5.40
N GLU B 227 -19.19 -6.39 -6.01
N GLU B 227 -19.18 -6.39 -6.02
N GLU B 227 -19.19 -6.39 -6.01
CA GLU B 227 -18.23 -5.36 -5.67
CA GLU B 227 -18.22 -5.37 -5.68
CA GLU B 227 -18.24 -5.36 -5.66
C GLU B 227 -18.74 -4.49 -4.52
C GLU B 227 -18.73 -4.47 -4.55
C GLU B 227 -18.74 -4.49 -4.51
N CYS B 228 -17.82 -3.95 -3.72
CA CYS B 228 -18.15 -3.06 -2.63
C CYS B 228 -17.98 -1.65 -3.23
N GLN B 229 -19.00 -0.81 -3.15
CA GLN B 229 -18.90 0.56 -3.64
C GLN B 229 -18.09 1.39 -2.64
N GLN B 230 -17.61 2.56 -3.07
CA GLN B 230 -16.83 3.49 -2.27
C GLN B 230 -17.59 3.94 -1.00
N ASP B 231 -18.93 3.96 -1.05
CA ASP B 231 -19.76 4.36 0.08
C ASP B 231 -20.44 3.17 0.84
N ASP B 232 -20.04 1.94 0.53
CA ASP B 232 -20.59 0.77 1.20
C ASP B 232 -19.83 0.51 2.53
N VAL B 233 -20.47 -0.22 3.45
CA VAL B 233 -19.85 -0.60 4.74
C VAL B 233 -19.89 -2.12 4.81
N VAL B 234 -18.80 -2.74 5.21
CA VAL B 234 -18.67 -4.20 5.19
C VAL B 234 -18.43 -4.84 6.57
N ASP B 235 -18.97 -6.07 6.76
CA ASP B 235 -18.73 -6.86 7.96
C ASP B 235 -17.96 -8.11 7.51
N SER B 236 -16.87 -8.42 8.22
CA SER B 236 -16.00 -9.56 7.96
C SER B 236 -16.25 -10.61 9.03
N LEU B 237 -16.63 -11.81 8.60
CA LEU B 237 -16.99 -12.89 9.52
C LEU B 237 -16.06 -14.08 9.32
N THR B 238 -15.65 -14.75 10.41
CA THR B 238 -14.74 -15.90 10.41
C THR B 238 -15.17 -16.97 11.44
N THR B 239 -15.11 -18.25 11.04
CA THR B 239 -15.39 -19.39 11.91
C THR B 239 -14.32 -20.44 11.67
N THR B 240 -13.76 -21.01 12.75
CA THR B 240 -12.76 -22.07 12.65
C THR B 240 -13.43 -23.35 12.15
N THR B 241 -12.87 -23.99 11.12
CA THR B 241 -13.41 -25.24 10.60
C THR B 241 -12.55 -26.47 11.00
N SER B 242 -11.30 -26.25 11.42
CA SER B 242 -10.42 -27.33 11.84
C SER B 242 -10.81 -27.88 13.24
N ASP B 260 -2.30 -27.59 12.04
CA ASP B 260 -2.81 -26.62 11.08
C ASP B 260 -4.16 -26.04 11.53
N SER B 261 -4.40 -24.77 11.23
CA SER B 261 -5.68 -24.14 11.53
C SER B 261 -6.35 -23.75 10.19
N GLN B 262 -7.66 -23.94 10.10
CA GLN B 262 -8.47 -23.59 8.92
C GLN B 262 -9.66 -22.77 9.36
N PHE B 263 -10.02 -21.79 8.53
CA PHE B 263 -11.13 -20.87 8.78
C PHE B 263 -12.00 -20.73 7.52
N LEU B 264 -13.27 -20.47 7.73
CA LEU B 264 -14.24 -20.17 6.68
C LEU B 264 -14.57 -18.67 6.86
N HIS B 265 -14.65 -17.93 5.76
CA HIS B 265 -14.82 -16.50 5.80
C HIS B 265 -16.02 -16.01 5.00
N LEU B 266 -16.56 -14.87 5.39
CA LEU B 266 -17.67 -14.25 4.67
C LEU B 266 -17.59 -12.73 4.84
N LEU B 267 -17.65 -11.99 3.74
CA LEU B 267 -17.72 -10.53 3.74
C LEU B 267 -19.13 -10.24 3.20
N ARG B 268 -19.89 -9.46 3.94
CA ARG B 268 -21.24 -9.08 3.57
C ARG B 268 -21.49 -7.60 3.91
N LEU B 269 -22.36 -6.93 3.16
CA LEU B 269 -22.69 -5.52 3.39
C LEU B 269 -23.36 -5.40 4.76
N SER B 270 -22.91 -4.42 5.53
CA SER B 270 -23.31 -4.19 6.92
C SER B 270 -24.81 -3.95 7.13
N GLY B 271 -25.48 -3.41 6.12
CA GLY B 271 -26.90 -3.14 6.24
C GLY B 271 -27.71 -4.40 6.06
N ASP B 272 -28.05 -4.68 4.79
CA ASP B 272 -28.90 -5.81 4.40
C ASP B 272 -28.26 -7.21 4.49
N GLY B 273 -26.96 -7.31 4.76
CA GLY B 273 -26.32 -8.62 4.83
C GLY B 273 -26.02 -9.27 3.49
N GLN B 274 -26.13 -8.50 2.38
CA GLN B 274 -25.80 -8.99 1.03
C GLN B 274 -24.32 -9.48 0.91
N GLU B 275 -24.11 -10.72 0.45
CA GLU B 275 -22.77 -11.30 0.28
C GLU B 275 -21.94 -10.58 -0.78
N ILE B 276 -20.69 -10.23 -0.42
CA ILE B 276 -19.79 -9.64 -1.39
C ILE B 276 -18.67 -10.66 -1.73
N ASN B 277 -18.15 -11.39 -0.73
CA ASN B 277 -17.12 -12.42 -0.92
C ASN B 277 -17.30 -13.55 0.08
N ARG B 278 -16.71 -14.71 -0.23
CA ARG B 278 -16.58 -15.84 0.68
C ARG B 278 -15.18 -16.48 0.42
N GLY B 279 -14.60 -17.09 1.43
CA GLY B 279 -13.29 -17.71 1.27
C GLY B 279 -12.89 -18.64 2.38
N THR B 280 -11.73 -19.26 2.23
CA THR B 280 -11.10 -20.14 3.22
C THR B 280 -9.62 -19.72 3.37
N THR B 281 -9.08 -19.88 4.59
CA THR B 281 -7.64 -19.69 4.87
C THR B 281 -7.10 -20.94 5.62
N LEU B 282 -5.83 -21.28 5.39
CA LEU B 282 -5.16 -22.38 6.05
C LEU B 282 -3.87 -21.80 6.62
N TRP B 283 -3.66 -21.95 7.93
CA TRP B 283 -2.52 -21.38 8.62
C TRP B 283 -1.67 -22.50 9.23
N ARG B 284 -0.34 -22.34 9.20
CA ARG B 284 0.62 -23.30 9.76
C ARG B 284 1.25 -22.70 11.05
N LYS B 285 1.48 -23.52 12.09
CA LYS B 285 2.14 -23.04 13.31
C LYS B 285 3.58 -22.64 12.98
N LYS B 286 4.01 -21.46 13.45
CA LYS B 286 5.36 -20.94 13.18
C LYS B 286 6.46 -21.86 13.73
N1 W0G C . 19.42 9.78 11.17
C4 W0G C . 18.07 9.89 11.03
C5 W0G C . 20.35 9.55 10.12
C6 W0G C . 21.36 10.47 9.89
C7 W0G C . 22.23 10.30 8.84
C8 W0G C . 22.14 9.19 8.03
C10 W0G C . 20.32 8.42 9.32
F W0G C . 19.36 7.48 9.54
C9 W0G C . 21.19 8.23 8.27
C3 W0G C . 19.83 10.05 12.56
C2 W0G C . 18.69 10.89 13.09
O W0G C . 17.45 9.73 9.99
C1 W0G C . 17.49 10.25 12.38
N W0G C . 16.34 11.14 12.27
C W0G C . 15.06 10.45 12.20
N1 W0G D . -5.27 -11.57 -20.85
C4 W0G D . -5.61 -11.40 -19.55
C5 W0G D . -3.91 -11.61 -21.32
C6 W0G D . -3.47 -12.71 -22.04
C7 W0G D . -2.16 -12.77 -22.47
C8 W0G D . -1.29 -11.73 -22.21
C10 W0G D . -3.02 -10.57 -21.11
F W0G D . -3.46 -9.48 -20.44
C9 W0G D . -1.73 -10.61 -21.55
C3 W0G D . -6.43 -11.73 -21.74
C2 W0G D . -7.52 -12.15 -20.77
O W0G D . -4.85 -11.23 -18.63
C1 W0G D . -7.13 -11.44 -19.48
N W0G D . -7.59 -12.08 -18.26
C W0G D . -7.98 -11.13 -17.22
#